data_1RP9
#
_entry.id   1RP9
#
_cell.length_a   93.730
_cell.length_b   73.540
_cell.length_c   61.060
_cell.angle_alpha   90.00
_cell.angle_beta   90.00
_cell.angle_gamma   90.00
#
_symmetry.space_group_name_H-M   'P 21 21 2'
#
loop_
_entity.id
_entity.type
_entity.pdbx_description
1 polymer 'Alpha-amylase type 1 isozyme'
2 branched 4,6-dideoxy-4-{[(1S,5R,6S)-3-formyl-5,6-dihydroxy-4-oxocyclohex-2-en-1-yl]amino}-alpha-D-xylo-hex-5-enopyranose-(1-4)-beta-D-glucopyranose-(1-4)-alpha-D-glucopyranose
3 branched 4,6-dideoxy-4-{[(1S,5R,6S)-3-formyl-5,6-dihydroxy-4-oxocyclohex-2-en-1-yl]amino}-alpha-D-xylo-hex-5-enopyranose-(1-4)-alpha-D-glucopyranose-(1-4)-alpha-D-glucopyranose
4 non-polymer 'CALCIUM ION'
5 water water
#
_entity_poly.entity_id   1
_entity_poly.type   'polypeptide(L)'
_entity_poly.pdbx_seq_one_letter_code
;HQVLFQGFNWESWKQSGGWYNMMMGKVDDIAAAGVTHVWLPPPSHSVSNEGYMPGRLYDIDASKYGNAAELKSLIGALHG
KGVQAIADIVINHRCADYKDSRGIYCIFEGGTSDGRLDWGPHMICRDDTKYSDGTANLDTGADFAAAPDIDHLNDRVQRE
LKEWLLWLKSDLGFDAWRLAFARGYSPEMAKVYIDGTSPSLAVAEVWDNMATGGDGKPNYDQDAHRQNLVNWVDKVGGAA
SAGMVFDFTTKGILNAAVEGELWRLIDPQGKAPGVMGWWPAKAVTFVDNHDTGSTQAMWPFPSDKVMQGYAYILTHPGIP
CIFYDHFFNWGFKDQIAALVAIRKRNGITATSALKILMHEGDAYVAEIDGKVVVKIGSRYDVGAVIPAGFVTSAHGNDYA
VWEKN
;
_entity_poly.pdbx_strand_id   A
#
loop_
_chem_comp.id
_chem_comp.type
_chem_comp.name
_chem_comp.formula
BGC D-saccharide, beta linking beta-D-glucopyranose 'C6 H12 O6'
CA non-polymer 'CALCIUM ION' 'Ca 2'
DAF D-saccharide, alpha linking 4,6-dideoxy-4-{[(1S,5R,6S)-3-formyl-5,6-dihydroxy-4-oxocyclohex-2-en-1-yl]amino}-alpha-D-xylo-hex-5-enopyranose 'C13 H17 N O8'
GLC D-saccharide, alpha linking alpha-D-glucopyranose 'C6 H12 O6'
#
# COMPACT_ATOMS: atom_id res chain seq x y z
N HIS A 1 10.41 -13.49 -6.56
CA HIS A 1 9.72 -13.44 -5.25
C HIS A 1 9.62 -12.01 -4.70
N GLN A 2 8.42 -11.60 -4.35
CA GLN A 2 8.19 -10.29 -3.81
C GLN A 2 6.97 -10.31 -2.88
N VAL A 3 7.18 -9.91 -1.63
CA VAL A 3 6.12 -9.85 -0.61
C VAL A 3 6.37 -8.58 0.20
N LEU A 4 5.34 -7.74 0.30
CA LEU A 4 5.47 -6.48 1.05
C LEU A 4 4.92 -6.67 2.46
N PHE A 5 5.26 -5.71 3.31
CA PHE A 5 4.83 -5.73 4.70
C PHE A 5 4.63 -4.29 5.15
N GLN A 6 3.44 -3.96 5.61
CA GLN A 6 3.22 -2.62 6.11
C GLN A 6 3.76 -2.65 7.56
N GLY A 7 4.84 -1.93 7.80
CA GLY A 7 5.43 -1.93 9.14
C GLY A 7 4.96 -0.92 10.16
N PHE A 8 3.66 -0.70 10.28
CA PHE A 8 3.13 0.22 11.29
C PHE A 8 1.61 0.18 11.23
N ASN A 9 0.95 0.72 12.26
CA ASN A 9 -0.49 0.82 12.27
C ASN A 9 -0.79 2.26 12.73
N TRP A 10 -2.07 2.57 12.89
CA TRP A 10 -2.47 3.91 13.28
C TRP A 10 -2.09 4.36 14.69
N GLU A 11 -1.65 3.43 15.53
CA GLU A 11 -1.28 3.72 16.91
C GLU A 11 0.25 3.71 17.11
N SER A 12 1.00 3.40 16.05
CA SER A 12 2.44 3.27 16.14
C SER A 12 3.18 4.46 16.72
N TRP A 13 2.80 5.68 16.33
CA TRP A 13 3.49 6.85 16.82
C TRP A 13 3.57 6.90 18.33
N LYS A 14 2.59 6.27 18.97
CA LYS A 14 2.48 6.21 20.43
C LYS A 14 3.47 5.26 21.11
N GLN A 15 4.14 4.40 20.34
CA GLN A 15 5.05 3.44 20.95
C GLN A 15 6.06 3.97 22.00
N SER A 16 5.98 3.42 23.19
CA SER A 16 6.90 3.82 24.26
C SER A 16 8.33 3.52 23.80
N GLY A 17 9.20 4.53 23.88
CA GLY A 17 10.59 4.35 23.47
C GLY A 17 10.83 4.57 21.98
N GLY A 18 9.78 4.79 21.18
CA GLY A 18 9.96 5.01 19.76
C GLY A 18 9.58 3.81 18.90
N TRP A 19 8.85 4.05 17.82
CA TRP A 19 8.40 2.95 16.94
C TRP A 19 9.55 2.25 16.20
N TYR A 20 10.46 3.00 15.58
CA TYR A 20 11.62 2.40 14.89
C TYR A 20 12.45 1.54 15.85
N ASN A 21 12.66 2.06 17.06
CA ASN A 21 13.44 1.36 18.07
C ASN A 21 12.82 0.00 18.33
N MET A 22 11.51 -0.01 18.52
CA MET A 22 10.82 -1.28 18.75
C MET A 22 10.90 -2.17 17.49
N MET A 23 10.77 -1.58 16.30
CA MET A 23 10.87 -2.39 15.06
C MET A 23 12.23 -3.14 14.88
N MET A 24 13.29 -2.64 15.50
CA MET A 24 14.61 -3.32 15.39
C MET A 24 14.49 -4.77 15.86
N GLY A 25 13.72 -5.01 16.92
CA GLY A 25 13.54 -6.36 17.43
C GLY A 25 12.59 -7.23 16.62
N LYS A 26 12.01 -6.66 15.57
CA LYS A 26 11.07 -7.38 14.70
C LYS A 26 11.71 -7.68 13.31
N VAL A 27 12.81 -7.03 13.01
CA VAL A 27 13.48 -7.22 11.73
C VAL A 27 13.76 -8.70 11.37
N ASP A 28 14.44 -9.42 12.25
CA ASP A 28 14.76 -10.82 11.96
C ASP A 28 13.53 -11.71 11.65
N ASP A 29 12.42 -11.50 12.36
CA ASP A 29 11.16 -12.27 12.16
C ASP A 29 10.56 -11.91 10.77
N ILE A 30 10.58 -10.63 10.43
CA ILE A 30 10.05 -10.16 9.16
C ILE A 30 10.85 -10.73 7.99
N ALA A 31 12.19 -10.72 8.11
CA ALA A 31 13.07 -11.25 7.07
C ALA A 31 12.93 -12.79 6.96
N ALA A 32 12.86 -13.47 8.10
CA ALA A 32 12.74 -14.92 8.12
C ALA A 32 11.42 -15.38 7.53
N ALA A 33 10.39 -14.54 7.61
CA ALA A 33 9.11 -14.90 7.06
C ALA A 33 9.04 -14.74 5.54
N GLY A 34 10.11 -14.27 4.93
CA GLY A 34 10.08 -14.11 3.48
C GLY A 34 9.65 -12.75 2.93
N VAL A 35 9.57 -11.75 3.79
CA VAL A 35 9.21 -10.41 3.35
C VAL A 35 10.37 -9.81 2.52
N THR A 36 10.06 -9.10 1.44
CA THR A 36 11.11 -8.49 0.63
C THR A 36 11.17 -6.99 0.78
N HIS A 37 10.05 -6.38 1.15
CA HIS A 37 9.99 -4.92 1.30
C HIS A 37 9.09 -4.50 2.47
N VAL A 38 9.55 -3.52 3.26
CA VAL A 38 8.75 -3.04 4.37
C VAL A 38 8.38 -1.59 4.17
N TRP A 39 7.08 -1.32 4.13
CA TRP A 39 6.55 0.05 3.96
C TRP A 39 6.56 0.75 5.33
N LEU A 40 7.30 1.84 5.43
CA LEU A 40 7.43 2.60 6.70
C LEU A 40 6.60 3.89 6.60
N PRO A 41 6.16 4.44 7.75
CA PRO A 41 5.32 5.65 7.77
C PRO A 41 6.00 6.93 7.26
N PRO A 42 5.23 8.00 7.05
CA PRO A 42 5.82 9.26 6.58
C PRO A 42 6.84 9.61 7.68
N PRO A 43 8.11 9.81 7.31
CA PRO A 43 9.23 10.12 8.21
C PRO A 43 9.51 11.55 8.67
N SER A 44 8.84 12.54 8.10
CA SER A 44 9.11 13.94 8.44
C SER A 44 8.21 14.60 9.49
N HIS A 45 8.62 15.80 9.91
CA HIS A 45 7.81 16.58 10.81
C HIS A 45 6.43 16.66 10.17
N SER A 46 5.41 16.56 11.02
CA SER A 46 4.04 16.60 10.58
C SER A 46 3.22 17.31 11.62
N VAL A 47 2.25 18.08 11.19
CA VAL A 47 1.42 18.76 12.17
C VAL A 47 0.55 17.70 12.89
N SER A 48 0.20 16.64 12.17
CA SER A 48 -0.60 15.56 12.72
C SER A 48 0.41 14.53 13.23
N ASN A 49 0.07 13.85 14.32
CA ASN A 49 0.98 12.86 14.91
C ASN A 49 1.37 11.67 14.04
N GLU A 50 0.47 11.23 13.17
CA GLU A 50 0.67 10.03 12.35
C GLU A 50 1.54 10.27 11.14
N GLY A 51 1.75 11.55 10.86
CA GLY A 51 2.61 11.94 9.77
C GLY A 51 2.00 12.37 8.47
N TYR A 52 0.67 12.34 8.34
CA TYR A 52 0.04 12.69 7.07
C TYR A 52 -0.27 14.16 6.85
N MET A 53 0.32 15.02 7.69
CA MET A 53 0.19 16.47 7.49
C MET A 53 1.63 17.04 7.58
N PRO A 54 2.52 16.61 6.65
CA PRO A 54 3.92 17.02 6.59
C PRO A 54 4.15 18.52 6.45
N GLY A 55 5.20 19.01 7.11
CA GLY A 55 5.54 20.42 7.06
C GLY A 55 6.99 20.55 6.65
N ARG A 56 7.90 20.38 7.61
CA ARG A 56 9.33 20.51 7.35
C ARG A 56 9.82 19.15 6.88
N LEU A 57 9.78 18.95 5.56
CA LEU A 57 10.15 17.68 4.95
C LEU A 57 11.50 17.11 5.31
N TYR A 58 12.49 18.00 5.43
CA TYR A 58 13.85 17.59 5.77
C TYR A 58 14.01 17.33 7.27
N ASP A 59 13.05 17.77 8.09
CA ASP A 59 13.13 17.61 9.53
C ASP A 59 12.66 16.22 9.97
N ILE A 60 13.56 15.25 9.87
CA ILE A 60 13.25 13.88 10.22
C ILE A 60 13.29 13.69 11.72
N ASP A 61 14.16 14.42 12.38
CA ASP A 61 14.27 14.32 13.83
C ASP A 61 13.00 14.69 14.59
N ALA A 62 12.15 15.52 13.99
CA ALA A 62 10.94 15.93 14.64
C ALA A 62 9.80 14.87 14.52
N SER A 63 10.07 13.76 13.83
CA SER A 63 9.03 12.73 13.67
C SER A 63 8.62 12.03 14.98
N LYS A 64 7.32 11.75 15.14
CA LYS A 64 6.84 11.06 16.35
C LYS A 64 7.31 9.59 16.35
N TYR A 65 7.66 9.06 15.18
CA TYR A 65 8.10 7.66 15.08
C TYR A 65 9.56 7.42 15.53
N GLY A 66 10.38 8.47 15.45
CA GLY A 66 11.78 8.32 15.83
C GLY A 66 12.59 9.30 15.00
N ASN A 67 13.86 9.52 15.34
CA ASN A 67 14.66 10.47 14.58
C ASN A 67 15.45 9.83 13.41
N ALA A 68 16.25 10.66 12.74
CA ALA A 68 17.05 10.20 11.61
C ALA A 68 17.99 9.05 11.95
N ALA A 69 18.69 9.18 13.07
CA ALA A 69 19.62 8.14 13.50
C ALA A 69 18.86 6.82 13.71
N GLU A 70 17.71 6.91 14.37
CA GLU A 70 16.87 5.74 14.67
C GLU A 70 16.31 5.12 13.39
N LEU A 71 15.91 5.97 12.46
CA LEU A 71 15.38 5.51 11.19
C LEU A 71 16.45 4.83 10.33
N LYS A 72 17.63 5.46 10.22
CA LYS A 72 18.74 4.92 9.42
C LYS A 72 19.13 3.55 9.97
N SER A 73 19.12 3.45 11.29
CA SER A 73 19.44 2.21 11.99
C SER A 73 18.48 1.08 11.59
N LEU A 74 17.19 1.38 11.55
CA LEU A 74 16.18 0.39 11.17
C LEU A 74 16.36 -0.03 9.69
N ILE A 75 16.49 0.95 8.81
CA ILE A 75 16.68 0.68 7.39
C ILE A 75 17.96 -0.12 7.19
N GLY A 76 19.02 0.25 7.93
CA GLY A 76 20.26 -0.49 7.81
C GLY A 76 20.05 -1.92 8.28
N ALA A 77 19.30 -2.10 9.37
CA ALA A 77 19.01 -3.43 9.90
C ALA A 77 18.28 -4.28 8.84
N LEU A 78 17.25 -3.68 8.22
CA LEU A 78 16.48 -4.36 7.19
C LEU A 78 17.39 -4.75 6.00
N HIS A 79 18.25 -3.82 5.59
CA HIS A 79 19.16 -4.07 4.47
C HIS A 79 20.15 -5.18 4.79
N GLY A 80 20.56 -5.26 6.04
CA GLY A 80 21.48 -6.30 6.47
C GLY A 80 20.87 -7.69 6.26
N LYS A 81 19.54 -7.76 6.32
CA LYS A 81 18.80 -9.00 6.11
C LYS A 81 18.22 -9.12 4.66
N GLY A 82 18.68 -8.23 3.78
CA GLY A 82 18.25 -8.23 2.39
C GLY A 82 16.84 -7.75 2.10
N VAL A 83 16.26 -7.00 3.04
CA VAL A 83 14.90 -6.45 2.89
C VAL A 83 14.96 -4.97 2.52
N GLN A 84 14.13 -4.54 1.56
CA GLN A 84 14.13 -3.13 1.18
C GLN A 84 13.19 -2.26 2.01
N ALA A 85 13.40 -0.95 1.95
CA ALA A 85 12.56 -0.03 2.70
C ALA A 85 11.75 0.87 1.77
N ILE A 86 10.43 0.91 1.98
CA ILE A 86 9.56 1.77 1.19
C ILE A 86 9.13 2.93 2.08
N ALA A 87 9.29 4.17 1.62
CA ALA A 87 8.86 5.32 2.45
C ALA A 87 7.45 5.77 2.02
N ASP A 88 6.64 6.21 2.98
CA ASP A 88 5.28 6.71 2.68
C ASP A 88 5.50 8.17 2.24
N ILE A 89 5.38 8.43 0.95
CA ILE A 89 5.59 9.76 0.38
C ILE A 89 4.27 10.54 0.35
N VAL A 90 4.19 11.60 1.16
CA VAL A 90 2.95 12.40 1.24
C VAL A 90 3.21 13.75 0.58
N ILE A 91 2.91 13.86 -0.71
CA ILE A 91 3.17 15.13 -1.34
C ILE A 91 1.96 15.84 -1.97
N ASN A 92 0.75 15.33 -1.76
CA ASN A 92 -0.41 16.03 -2.33
C ASN A 92 -0.56 17.41 -1.72
N HIS A 93 -0.43 17.45 -0.40
CA HIS A 93 -0.56 18.68 0.36
C HIS A 93 0.62 18.86 1.31
N ARG A 94 0.70 20.02 1.93
CA ARG A 94 1.78 20.32 2.87
C ARG A 94 1.32 21.45 3.81
N CYS A 95 1.80 21.44 5.06
CA CYS A 95 1.48 22.49 6.01
C CYS A 95 2.64 23.48 6.12
N ALA A 96 2.32 24.77 6.09
CA ALA A 96 3.31 25.83 6.15
C ALA A 96 3.53 26.21 7.61
N ASP A 97 4.78 26.28 8.03
CA ASP A 97 5.11 26.62 9.42
C ASP A 97 4.67 27.99 9.89
N TYR A 98 4.68 28.94 8.96
CA TYR A 98 4.36 30.31 9.27
C TYR A 98 3.24 30.98 8.49
N LYS A 99 2.71 32.03 9.10
CA LYS A 99 1.63 32.83 8.51
C LYS A 99 2.22 34.03 7.73
N ASP A 100 1.54 34.41 6.65
CA ASP A 100 2.01 35.56 5.88
C ASP A 100 1.28 36.81 6.43
N SER A 101 1.40 37.94 5.74
CA SER A 101 0.76 39.17 6.20
C SER A 101 -0.77 39.14 6.18
N ARG A 102 -1.34 38.07 5.62
CA ARG A 102 -2.79 37.92 5.55
C ARG A 102 -3.26 37.07 6.74
N GLY A 103 -2.30 36.55 7.51
CA GLY A 103 -2.65 35.72 8.66
C GLY A 103 -2.96 34.30 8.21
N ILE A 104 -2.60 33.97 6.98
CA ILE A 104 -2.82 32.64 6.44
C ILE A 104 -1.54 31.79 6.54
N TYR A 105 -1.68 30.52 6.96
CA TYR A 105 -0.49 29.67 7.06
C TYR A 105 -0.07 29.25 5.67
N CYS A 106 0.82 30.02 5.05
CA CYS A 106 1.27 29.69 3.70
C CYS A 106 2.73 29.97 3.37
N ILE A 107 3.53 30.19 4.41
CA ILE A 107 4.95 30.43 4.23
C ILE A 107 5.61 29.16 4.75
N PHE A 108 6.22 28.41 3.85
CA PHE A 108 6.81 27.14 4.22
C PHE A 108 8.26 27.16 4.69
N GLU A 109 8.67 26.09 5.39
CA GLU A 109 10.05 25.91 5.88
C GLU A 109 10.39 24.44 5.61
N GLY A 110 11.43 24.18 4.82
CA GLY A 110 11.79 22.81 4.50
C GLY A 110 12.50 22.07 5.63
N GLY A 111 13.06 22.83 6.55
CA GLY A 111 13.77 22.22 7.64
C GLY A 111 15.28 22.32 7.51
N THR A 112 15.78 23.08 6.53
CA THR A 112 17.24 23.29 6.40
C THR A 112 17.55 24.78 6.51
N SER A 113 18.79 25.12 6.80
CA SER A 113 19.15 26.52 6.95
C SER A 113 18.99 27.36 5.67
N ASP A 114 19.12 26.74 4.50
CA ASP A 114 18.98 27.51 3.29
C ASP A 114 17.51 27.52 2.83
N GLY A 115 17.25 27.90 1.58
CA GLY A 115 15.86 27.96 1.12
C GLY A 115 15.19 26.75 0.49
N ARG A 116 15.79 25.56 0.64
CA ARG A 116 15.21 24.33 0.08
C ARG A 116 13.80 24.12 0.64
N LEU A 117 12.79 24.16 -0.23
CA LEU A 117 11.40 23.95 0.20
C LEU A 117 10.78 25.10 1.00
N ASP A 118 11.44 26.25 1.04
CA ASP A 118 10.90 27.39 1.76
C ASP A 118 9.98 28.09 0.73
N TRP A 119 8.84 27.47 0.47
CA TRP A 119 7.89 27.99 -0.51
C TRP A 119 6.95 29.05 0.07
N GLY A 120 6.07 29.55 -0.79
CA GLY A 120 5.11 30.56 -0.39
C GLY A 120 3.80 30.22 -1.06
N PRO A 121 2.75 31.03 -0.89
CA PRO A 121 1.48 30.68 -1.53
C PRO A 121 1.54 30.50 -3.04
N HIS A 122 2.63 30.96 -3.67
CA HIS A 122 2.73 30.80 -5.12
C HIS A 122 2.82 29.32 -5.48
N MET A 123 3.15 28.48 -4.50
CA MET A 123 3.25 27.03 -4.74
C MET A 123 2.00 26.27 -4.27
N ILE A 124 0.94 26.99 -3.92
CA ILE A 124 -0.32 26.38 -3.50
C ILE A 124 -1.31 26.49 -4.66
N CYS A 125 -1.87 25.37 -5.11
CA CYS A 125 -2.86 25.37 -6.21
C CYS A 125 -3.78 26.54 -6.05
N ARG A 126 -3.92 27.35 -7.10
CA ARG A 126 -4.75 28.56 -7.01
C ARG A 126 -6.20 28.31 -6.61
N ASP A 127 -6.76 27.16 -6.98
CA ASP A 127 -8.14 26.86 -6.64
C ASP A 127 -8.37 26.43 -5.18
N ASP A 128 -7.28 26.27 -4.43
CA ASP A 128 -7.37 25.95 -3.01
C ASP A 128 -7.34 27.36 -2.41
N THR A 129 -8.47 28.05 -2.52
CA THR A 129 -8.57 29.43 -2.04
C THR A 129 -8.51 29.64 -0.53
N LYS A 130 -8.58 28.55 0.22
CA LYS A 130 -8.48 28.60 1.67
C LYS A 130 -7.03 28.98 2.05
N TYR A 131 -6.10 28.82 1.11
CA TYR A 131 -4.70 29.12 1.39
C TYR A 131 -3.90 29.84 0.29
N SER A 132 -4.38 29.74 -0.94
CA SER A 132 -3.65 30.30 -2.07
C SER A 132 -3.69 31.81 -2.22
N ASP A 133 -2.89 32.33 -3.15
CA ASP A 133 -2.87 33.76 -3.42
C ASP A 133 -3.27 33.98 -4.89
N GLY A 134 -3.90 32.95 -5.45
CA GLY A 134 -4.40 32.98 -6.82
C GLY A 134 -3.42 32.97 -7.98
N THR A 135 -2.11 32.95 -7.70
CA THR A 135 -1.14 33.01 -8.80
C THR A 135 -0.70 31.69 -9.40
N ALA A 136 -0.83 30.60 -8.64
CA ALA A 136 -0.40 29.28 -9.08
C ALA A 136 -1.31 28.63 -10.16
N ASN A 137 -0.90 27.46 -10.63
CA ASN A 137 -1.68 26.67 -11.61
C ASN A 137 -2.83 26.00 -10.86
N LEU A 138 -3.75 25.41 -11.62
CA LEU A 138 -4.89 24.70 -11.04
C LEU A 138 -4.37 23.34 -10.50
N ASP A 139 -4.98 22.83 -9.44
CA ASP A 139 -4.57 21.53 -8.87
C ASP A 139 -4.75 20.46 -9.97
N THR A 140 -3.77 19.56 -10.14
CA THR A 140 -3.87 18.52 -11.17
C THR A 140 -4.73 17.35 -10.72
N GLY A 141 -5.15 17.37 -9.45
CA GLY A 141 -6.01 16.30 -8.95
C GLY A 141 -6.94 16.77 -7.86
N ALA A 142 -7.44 15.84 -7.05
CA ALA A 142 -8.35 16.14 -5.95
C ALA A 142 -7.69 16.97 -4.85
N ASP A 143 -8.53 17.59 -4.03
CA ASP A 143 -8.04 18.43 -2.95
C ASP A 143 -8.05 17.72 -1.60
N PHE A 144 -7.18 18.15 -0.69
CA PHE A 144 -7.16 17.64 0.68
C PHE A 144 -7.64 18.86 1.47
N ALA A 145 -8.83 18.79 2.04
CA ALA A 145 -9.39 19.95 2.72
C ALA A 145 -8.64 20.56 3.92
N ALA A 146 -7.95 19.73 4.69
CA ALA A 146 -7.29 20.23 5.90
C ALA A 146 -5.94 20.92 5.77
N ALA A 147 -5.45 21.04 4.55
CA ALA A 147 -4.16 21.70 4.35
C ALA A 147 -3.93 22.19 2.92
N PRO A 148 -2.92 23.04 2.71
CA PRO A 148 -2.62 23.54 1.37
C PRO A 148 -2.27 22.44 0.36
N ASP A 149 -2.91 22.45 -0.80
CA ASP A 149 -2.59 21.48 -1.84
C ASP A 149 -1.45 22.09 -2.68
N ILE A 150 -0.43 21.29 -2.95
CA ILE A 150 0.74 21.76 -3.68
C ILE A 150 0.58 21.76 -5.22
N ASP A 151 1.13 22.79 -5.87
CA ASP A 151 1.06 22.91 -7.31
C ASP A 151 2.24 22.20 -7.95
N HIS A 152 1.97 20.97 -8.38
CA HIS A 152 2.98 20.12 -8.95
C HIS A 152 3.41 20.52 -10.34
N LEU A 153 2.71 21.48 -10.93
CA LEU A 153 3.10 21.98 -12.23
C LEU A 153 4.12 23.11 -12.06
N ASN A 154 4.43 23.48 -10.82
CA ASN A 154 5.42 24.55 -10.56
C ASN A 154 6.81 23.91 -10.68
N ASP A 155 7.69 24.52 -11.47
CA ASP A 155 9.00 23.95 -11.73
C ASP A 155 9.91 23.82 -10.52
N ARG A 156 9.86 24.82 -9.64
CA ARG A 156 10.66 24.77 -8.44
C ARG A 156 10.14 23.64 -7.56
N VAL A 157 8.83 23.46 -7.55
CA VAL A 157 8.18 22.41 -6.73
C VAL A 157 8.69 21.05 -7.22
N GLN A 158 8.61 20.81 -8.53
CA GLN A 158 9.06 19.54 -9.07
C GLN A 158 10.54 19.29 -8.75
N ARG A 159 11.35 20.30 -8.99
CA ARG A 159 12.78 20.21 -8.76
C ARG A 159 13.11 19.99 -7.30
N GLU A 160 12.54 20.77 -6.40
CA GLU A 160 12.87 20.59 -5.00
C GLU A 160 12.33 19.30 -4.37
N LEU A 161 11.17 18.83 -4.81
CA LEU A 161 10.69 17.56 -4.22
C LEU A 161 11.52 16.38 -4.72
N LYS A 162 11.96 16.42 -5.99
CA LYS A 162 12.80 15.35 -6.52
C LYS A 162 14.11 15.37 -5.76
N GLU A 163 14.61 16.57 -5.48
CA GLU A 163 15.86 16.70 -4.72
C GLU A 163 15.67 16.03 -3.35
N TRP A 164 14.53 16.33 -2.72
CA TRP A 164 14.21 15.78 -1.41
C TRP A 164 14.12 14.25 -1.42
N LEU A 165 13.39 13.72 -2.39
CA LEU A 165 13.20 12.28 -2.56
C LEU A 165 14.55 11.58 -2.74
N LEU A 166 15.43 12.16 -3.56
CA LEU A 166 16.75 11.54 -3.75
C LEU A 166 17.54 11.56 -2.44
N TRP A 167 17.35 12.58 -1.60
CA TRP A 167 18.03 12.66 -0.30
C TRP A 167 17.48 11.54 0.64
N LEU A 168 16.19 11.22 0.55
CA LEU A 168 15.64 10.14 1.38
C LEU A 168 16.35 8.83 1.04
N LYS A 169 16.68 8.67 -0.24
CA LYS A 169 17.37 7.47 -0.68
C LYS A 169 18.86 7.51 -0.26
N SER A 170 19.53 8.59 -0.60
CA SER A 170 20.95 8.68 -0.32
C SER A 170 21.34 8.92 1.13
N ASP A 171 20.50 9.62 1.87
CA ASP A 171 20.80 9.96 3.25
C ASP A 171 20.21 9.02 4.29
N LEU A 172 19.02 8.48 4.04
CA LEU A 172 18.37 7.56 5.01
C LEU A 172 18.41 6.10 4.52
N GLY A 173 18.54 5.90 3.20
CA GLY A 173 18.60 4.55 2.66
C GLY A 173 17.31 3.98 2.08
N PHE A 174 16.28 4.81 1.94
CA PHE A 174 15.03 4.30 1.35
C PHE A 174 15.30 3.81 -0.08
N ASP A 175 14.58 2.75 -0.46
CA ASP A 175 14.70 2.12 -1.76
C ASP A 175 13.50 2.42 -2.71
N ALA A 176 12.35 2.67 -2.11
CA ALA A 176 11.13 2.79 -2.89
C ALA A 176 10.06 3.64 -2.20
N TRP A 177 8.98 3.93 -2.92
CA TRP A 177 7.92 4.79 -2.40
C TRP A 177 6.51 4.21 -2.39
N ARG A 178 5.70 4.74 -1.47
CA ARG A 178 4.27 4.46 -1.34
C ARG A 178 3.70 5.89 -1.57
N LEU A 179 2.94 6.10 -2.64
CA LEU A 179 2.44 7.44 -2.93
C LEU A 179 1.06 7.67 -2.30
N ALA A 180 1.08 8.43 -1.19
CA ALA A 180 -0.11 8.72 -0.41
C ALA A 180 -1.11 9.58 -1.17
N PHE A 181 -2.39 9.23 -1.07
CA PHE A 181 -3.44 10.01 -1.73
C PHE A 181 -3.04 10.42 -3.14
N ALA A 182 -2.70 9.43 -3.96
CA ALA A 182 -2.32 9.67 -5.35
C ALA A 182 -3.47 10.23 -6.16
N ARG A 183 -4.69 10.21 -5.62
CA ARG A 183 -5.77 10.80 -6.41
C ARG A 183 -5.64 12.33 -6.35
N GLY A 184 -4.82 12.82 -5.42
CA GLY A 184 -4.65 14.26 -5.27
C GLY A 184 -3.93 15.00 -6.41
N TYR A 185 -3.21 14.29 -7.26
CA TYR A 185 -2.52 14.93 -8.38
C TYR A 185 -2.58 13.95 -9.53
N SER A 186 -2.30 14.40 -10.74
CA SER A 186 -2.43 13.48 -11.88
C SER A 186 -1.35 12.41 -12.03
N PRO A 187 -1.65 11.35 -12.79
CA PRO A 187 -0.65 10.29 -12.99
C PRO A 187 0.57 10.90 -13.71
N GLU A 188 0.34 11.91 -14.54
CA GLU A 188 1.41 12.60 -15.26
C GLU A 188 2.41 13.16 -14.21
N MET A 189 1.91 13.81 -13.16
CA MET A 189 2.78 14.35 -12.10
C MET A 189 3.46 13.22 -11.33
N ALA A 190 2.75 12.14 -11.05
CA ALA A 190 3.35 11.02 -10.36
C ALA A 190 4.53 10.50 -11.22
N LYS A 191 4.37 10.53 -12.54
CA LYS A 191 5.43 10.08 -13.47
C LYS A 191 6.69 10.95 -13.32
N VAL A 192 6.49 12.26 -13.17
CA VAL A 192 7.64 13.15 -12.98
C VAL A 192 8.48 12.65 -11.78
N TYR A 193 7.83 12.46 -10.64
CA TYR A 193 8.55 12.02 -9.44
C TYR A 193 9.07 10.59 -9.53
N ILE A 194 8.30 9.68 -10.13
CA ILE A 194 8.74 8.30 -10.25
C ILE A 194 9.96 8.21 -11.17
N ASP A 195 9.80 8.68 -12.41
CA ASP A 195 10.89 8.64 -13.39
C ASP A 195 12.13 9.44 -12.96
N GLY A 196 11.90 10.49 -12.17
CA GLY A 196 13.00 11.32 -11.71
C GLY A 196 13.71 10.87 -10.44
N THR A 197 13.23 9.82 -9.79
CA THR A 197 13.87 9.32 -8.56
C THR A 197 14.26 7.84 -8.56
N SER A 198 13.96 7.13 -9.66
CA SER A 198 14.32 5.72 -9.82
C SER A 198 14.07 4.77 -8.64
N PRO A 199 12.84 4.73 -8.09
CA PRO A 199 12.58 3.81 -6.96
C PRO A 199 12.50 2.35 -7.43
N SER A 200 12.78 1.38 -6.57
CA SER A 200 12.70 -0.03 -6.97
C SER A 200 11.22 -0.33 -7.32
N LEU A 201 10.32 0.43 -6.69
CA LEU A 201 8.89 0.37 -6.97
C LEU A 201 8.25 1.63 -6.38
N ALA A 202 7.12 2.02 -6.94
CA ALA A 202 6.36 3.15 -6.41
C ALA A 202 4.89 2.68 -6.43
N VAL A 203 4.39 2.27 -5.25
CA VAL A 203 3.02 1.81 -5.16
C VAL A 203 2.12 2.94 -4.76
N ALA A 204 1.20 3.27 -5.65
CA ALA A 204 0.29 4.37 -5.45
C ALA A 204 -1.03 4.01 -4.79
N GLU A 205 -1.45 4.85 -3.85
CA GLU A 205 -2.72 4.68 -3.18
C GLU A 205 -3.70 5.55 -3.96
N VAL A 206 -4.40 4.90 -4.89
CA VAL A 206 -5.44 5.54 -5.70
C VAL A 206 -6.72 4.91 -5.19
N TRP A 207 -7.43 5.62 -4.31
CA TRP A 207 -8.65 5.11 -3.72
C TRP A 207 -9.94 5.72 -4.26
N ASP A 208 -10.65 5.00 -5.12
CA ASP A 208 -11.93 5.47 -5.66
C ASP A 208 -13.05 4.66 -4.95
N ASN A 209 -14.22 5.27 -4.76
CA ASN A 209 -15.36 4.59 -4.12
C ASN A 209 -15.81 3.44 -5.01
N MET A 210 -16.27 2.38 -4.35
CA MET A 210 -16.73 1.19 -5.05
C MET A 210 -18.25 1.16 -5.26
N ALA A 211 -18.66 0.79 -6.47
CA ALA A 211 -20.10 0.69 -6.82
C ALA A 211 -20.78 -0.32 -5.91
N THR A 212 -21.86 0.09 -5.25
CA THR A 212 -22.63 -0.77 -4.36
C THR A 212 -24.14 -0.73 -4.66
N GLY A 213 -24.87 -1.71 -4.13
CA GLY A 213 -26.29 -1.77 -4.36
C GLY A 213 -27.12 -1.16 -3.25
N GLY A 214 -28.42 -1.44 -3.28
CA GLY A 214 -29.32 -0.91 -2.28
C GLY A 214 -29.14 -1.58 -0.93
N ASP A 215 -28.53 -2.76 -0.93
CA ASP A 215 -28.30 -3.49 0.31
C ASP A 215 -26.95 -3.13 0.93
N GLY A 216 -26.20 -2.24 0.31
CA GLY A 216 -24.91 -1.87 0.87
C GLY A 216 -23.74 -2.71 0.37
N LYS A 217 -24.03 -3.83 -0.27
CA LYS A 217 -22.95 -4.67 -0.79
C LYS A 217 -22.41 -4.18 -2.13
N PRO A 218 -21.12 -4.40 -2.38
CA PRO A 218 -20.53 -3.95 -3.65
C PRO A 218 -21.15 -4.76 -4.78
N ASN A 219 -21.25 -4.18 -5.97
CA ASN A 219 -21.79 -4.93 -7.12
C ASN A 219 -20.84 -6.06 -7.48
N TYR A 220 -21.36 -7.10 -8.13
CA TYR A 220 -20.54 -8.23 -8.56
C TYR A 220 -19.52 -7.73 -9.62
N ASP A 221 -20.03 -6.91 -10.54
CA ASP A 221 -19.23 -6.34 -11.63
C ASP A 221 -18.51 -5.08 -11.13
N GLN A 222 -17.19 -5.15 -10.99
CA GLN A 222 -16.41 -3.99 -10.53
C GLN A 222 -15.38 -3.58 -11.62
N ASP A 223 -15.70 -3.91 -12.86
CA ASP A 223 -14.79 -3.58 -13.95
C ASP A 223 -14.46 -2.08 -14.02
N ALA A 224 -15.44 -1.23 -13.77
CA ALA A 224 -15.19 0.21 -13.83
C ALA A 224 -14.15 0.63 -12.80
N HIS A 225 -14.18 -0.01 -11.65
CA HIS A 225 -13.26 0.31 -10.57
C HIS A 225 -11.85 -0.16 -10.85
N ARG A 226 -11.67 -1.40 -11.33
CA ARG A 226 -10.31 -1.82 -11.68
C ARG A 226 -9.85 -1.14 -12.97
N GLN A 227 -10.78 -0.73 -13.83
CA GLN A 227 -10.41 -0.03 -15.08
C GLN A 227 -9.70 1.32 -14.72
N ASN A 228 -10.25 2.03 -13.73
CA ASN A 228 -9.66 3.30 -13.27
C ASN A 228 -8.20 3.07 -12.89
N LEU A 229 -7.98 1.98 -12.16
CA LEU A 229 -6.66 1.61 -11.66
C LEU A 229 -5.69 1.22 -12.77
N VAL A 230 -6.14 0.48 -13.78
CA VAL A 230 -5.18 0.14 -14.82
C VAL A 230 -4.91 1.38 -15.66
N ASN A 231 -5.93 2.22 -15.84
CA ASN A 231 -5.76 3.47 -16.60
C ASN A 231 -4.70 4.37 -15.94
N TRP A 232 -4.65 4.36 -14.61
CA TRP A 232 -3.67 5.17 -13.89
C TRP A 232 -2.25 4.65 -14.19
N VAL A 233 -2.11 3.33 -14.15
CA VAL A 233 -0.82 2.69 -14.44
C VAL A 233 -0.42 2.99 -15.90
N ASP A 234 -1.37 2.88 -16.83
CA ASP A 234 -1.05 3.15 -18.23
C ASP A 234 -0.47 4.58 -18.36
N LYS A 235 -1.20 5.53 -17.79
CA LYS A 235 -0.81 6.93 -17.84
C LYS A 235 0.50 7.24 -17.15
N VAL A 236 0.86 6.48 -16.11
CA VAL A 236 2.11 6.75 -15.42
C VAL A 236 3.31 6.18 -16.18
N GLY A 237 3.06 5.39 -17.21
CA GLY A 237 4.19 4.83 -17.97
C GLY A 237 4.07 3.35 -18.31
N GLY A 238 3.08 2.69 -17.71
CA GLY A 238 2.86 1.28 -17.99
C GLY A 238 3.95 0.35 -17.52
N ALA A 239 4.14 -0.74 -18.27
CA ALA A 239 5.14 -1.74 -17.95
C ALA A 239 6.56 -1.19 -17.69
N ALA A 240 6.96 -0.14 -18.40
CA ALA A 240 8.30 0.40 -18.20
C ALA A 240 8.44 1.20 -16.92
N SER A 241 7.33 1.69 -16.40
CA SER A 241 7.38 2.48 -15.17
C SER A 241 7.53 1.63 -13.91
N ALA A 242 8.12 2.22 -12.87
CA ALA A 242 8.25 1.48 -11.62
C ALA A 242 6.93 1.58 -10.85
N GLY A 243 6.00 2.37 -11.38
CA GLY A 243 4.74 2.57 -10.68
C GLY A 243 3.75 1.39 -10.74
N MET A 244 2.98 1.24 -9.66
CA MET A 244 1.98 0.21 -9.54
C MET A 244 0.91 0.72 -8.58
N VAL A 245 -0.17 -0.04 -8.37
CA VAL A 245 -1.25 0.42 -7.48
C VAL A 245 -1.73 -0.63 -6.47
N PHE A 246 -2.27 -0.14 -5.35
CA PHE A 246 -2.87 -1.03 -4.36
C PHE A 246 -4.13 -1.55 -5.02
N ASP A 247 -4.42 -2.82 -4.81
CA ASP A 247 -5.59 -3.40 -5.46
C ASP A 247 -6.85 -3.24 -4.57
N PHE A 248 -7.38 -2.03 -4.52
CA PHE A 248 -8.55 -1.73 -3.74
C PHE A 248 -9.76 -2.51 -4.25
N THR A 249 -9.76 -2.80 -5.54
CA THR A 249 -10.85 -3.56 -6.16
C THR A 249 -10.91 -4.92 -5.49
N THR A 250 -9.77 -5.62 -5.44
CA THR A 250 -9.73 -6.92 -4.79
C THR A 250 -10.09 -6.80 -3.29
N LYS A 251 -9.68 -5.73 -2.63
CA LYS A 251 -10.00 -5.54 -1.21
C LYS A 251 -11.49 -5.47 -0.97
N GLY A 252 -12.16 -4.65 -1.75
CA GLY A 252 -13.61 -4.49 -1.65
C GLY A 252 -14.40 -5.78 -1.94
N ILE A 253 -14.05 -6.46 -3.03
CA ILE A 253 -14.70 -7.70 -3.41
C ILE A 253 -14.45 -8.77 -2.32
N LEU A 254 -13.19 -8.91 -1.92
CA LEU A 254 -12.83 -9.89 -0.92
C LEU A 254 -13.56 -9.67 0.45
N ASN A 255 -13.70 -8.40 0.88
CA ASN A 255 -14.40 -8.06 2.13
C ASN A 255 -15.78 -8.73 2.11
N ALA A 256 -16.51 -8.52 1.02
CA ALA A 256 -17.84 -9.09 0.88
C ALA A 256 -17.87 -10.59 0.55
N ALA A 257 -16.96 -11.03 -0.32
CA ALA A 257 -16.88 -12.44 -0.77
C ALA A 257 -16.82 -13.48 0.33
N VAL A 258 -15.95 -13.27 1.34
CA VAL A 258 -15.80 -14.25 2.42
C VAL A 258 -17.06 -14.45 3.30
N GLU A 259 -18.03 -13.55 3.19
CA GLU A 259 -19.27 -13.70 3.95
C GLU A 259 -20.20 -14.67 3.19
N GLY A 260 -19.74 -15.88 2.90
CA GLY A 260 -20.57 -16.84 2.18
C GLY A 260 -20.95 -16.44 0.76
N GLU A 261 -20.16 -15.60 0.12
CA GLU A 261 -20.45 -15.19 -1.25
C GLU A 261 -19.18 -15.36 -2.09
N LEU A 262 -18.56 -16.52 -1.99
CA LEU A 262 -17.32 -16.72 -2.73
C LEU A 262 -17.47 -16.82 -4.25
N TRP A 263 -18.72 -16.74 -4.75
CA TRP A 263 -18.96 -16.75 -6.19
C TRP A 263 -18.50 -15.38 -6.74
N ARG A 264 -18.30 -14.41 -5.86
CA ARG A 264 -17.80 -13.08 -6.28
C ARG A 264 -16.33 -13.12 -6.76
N LEU A 265 -15.61 -14.19 -6.46
CA LEU A 265 -14.19 -14.26 -6.79
C LEU A 265 -13.76 -14.68 -8.18
N ILE A 266 -14.64 -14.49 -9.17
CA ILE A 266 -14.30 -14.81 -10.56
C ILE A 266 -15.17 -13.90 -11.44
N ASP A 267 -14.60 -13.34 -12.50
CA ASP A 267 -15.39 -12.48 -13.39
C ASP A 267 -15.94 -13.38 -14.49
N PRO A 268 -16.78 -12.84 -15.41
CA PRO A 268 -17.36 -13.68 -16.48
C PRO A 268 -16.37 -14.25 -17.50
N GLN A 269 -15.12 -13.79 -17.44
CA GLN A 269 -14.10 -14.28 -18.37
C GLN A 269 -13.26 -15.36 -17.72
N GLY A 270 -13.55 -15.67 -16.47
CA GLY A 270 -12.79 -16.71 -15.78
C GLY A 270 -11.54 -16.19 -15.06
N LYS A 271 -11.45 -14.88 -14.88
CA LYS A 271 -10.24 -14.31 -14.23
C LYS A 271 -10.55 -13.74 -12.84
N ALA A 272 -9.51 -13.43 -12.05
CA ALA A 272 -9.72 -12.80 -10.74
C ALA A 272 -10.52 -11.53 -11.10
N PRO A 273 -11.44 -11.07 -10.23
CA PRO A 273 -12.27 -9.89 -10.46
C PRO A 273 -11.66 -8.51 -10.19
N GLY A 274 -10.51 -8.48 -9.50
CA GLY A 274 -9.85 -7.21 -9.19
C GLY A 274 -8.70 -6.88 -10.17
N VAL A 275 -7.85 -5.90 -9.83
CA VAL A 275 -6.75 -5.54 -10.73
C VAL A 275 -5.89 -6.78 -10.99
N MET A 276 -5.77 -7.61 -9.95
CA MET A 276 -5.03 -8.89 -10.02
C MET A 276 -5.38 -9.68 -11.30
N GLY A 277 -6.62 -9.57 -11.77
CA GLY A 277 -7.03 -10.34 -12.94
C GLY A 277 -6.75 -9.72 -14.28
N TRP A 278 -6.33 -8.45 -14.29
CA TRP A 278 -6.03 -7.77 -15.53
C TRP A 278 -4.57 -7.35 -15.69
N TRP A 279 -3.90 -6.99 -14.60
CA TRP A 279 -2.50 -6.60 -14.69
C TRP A 279 -1.89 -6.97 -13.36
N PRO A 280 -1.74 -8.28 -13.09
CA PRO A 280 -1.18 -8.73 -11.82
C PRO A 280 0.18 -8.16 -11.46
N ALA A 281 1.04 -7.95 -12.44
CA ALA A 281 2.38 -7.37 -12.20
C ALA A 281 2.34 -6.00 -11.51
N LYS A 282 1.19 -5.32 -11.62
CA LYS A 282 0.98 -3.97 -11.06
C LYS A 282 -0.01 -3.85 -9.91
N ALA A 283 -0.50 -5.00 -9.41
CA ALA A 283 -1.49 -5.04 -8.36
C ALA A 283 -0.91 -5.46 -7.04
N VAL A 284 -0.93 -4.56 -6.05
CA VAL A 284 -0.45 -4.89 -4.71
C VAL A 284 -1.69 -5.17 -3.86
N THR A 285 -1.87 -6.44 -3.54
CA THR A 285 -3.04 -6.90 -2.79
C THR A 285 -2.81 -6.77 -1.28
N PHE A 286 -3.90 -6.71 -0.55
CA PHE A 286 -3.85 -6.56 0.90
C PHE A 286 -5.19 -6.91 1.54
N VAL A 287 -5.14 -7.26 2.83
CA VAL A 287 -6.33 -7.63 3.58
C VAL A 287 -6.83 -6.37 4.31
N ASP A 288 -5.89 -5.64 4.89
CA ASP A 288 -6.19 -4.35 5.57
C ASP A 288 -4.90 -3.50 5.67
N ASN A 289 -5.11 -2.19 5.85
CA ASN A 289 -3.98 -1.30 6.08
C ASN A 289 -4.38 -0.47 7.30
N HIS A 290 -3.60 0.56 7.63
CA HIS A 290 -3.87 1.42 8.79
C HIS A 290 -5.17 2.22 8.70
N ASP A 291 -5.70 2.38 7.48
CA ASP A 291 -6.96 3.09 7.27
C ASP A 291 -8.18 2.16 7.33
N THR A 292 -8.11 1.05 6.59
CA THR A 292 -9.26 0.13 6.53
C THR A 292 -9.40 -0.65 7.80
N GLY A 293 -8.26 -0.95 8.41
CA GLY A 293 -8.24 -1.67 9.66
C GLY A 293 -7.68 -0.82 10.79
N SER A 294 -6.91 -1.43 11.67
CA SER A 294 -6.31 -0.74 12.82
C SER A 294 -7.41 -0.08 13.64
N THR A 295 -7.10 1.04 14.30
CA THR A 295 -8.10 1.72 15.11
C THR A 295 -8.98 2.64 14.29
N GLN A 296 -8.64 2.87 13.02
CA GLN A 296 -9.46 3.72 12.19
C GLN A 296 -10.62 2.86 11.67
N ALA A 297 -10.32 1.62 11.28
CA ALA A 297 -11.35 0.69 10.80
C ALA A 297 -12.39 1.30 9.86
N MET A 298 -11.93 1.85 8.75
CA MET A 298 -12.84 2.45 7.77
C MET A 298 -13.47 1.39 6.89
N TRP A 299 -12.90 0.19 6.84
CA TRP A 299 -13.43 -0.85 5.94
C TRP A 299 -12.71 -2.17 6.29
N PRO A 300 -12.81 -2.59 7.57
CA PRO A 300 -12.16 -3.79 8.06
C PRO A 300 -12.60 -5.09 7.41
N PHE A 301 -11.63 -6.01 7.26
CA PHE A 301 -11.91 -7.33 6.71
C PHE A 301 -12.72 -8.05 7.79
N PRO A 302 -13.68 -8.92 7.44
CA PRO A 302 -14.41 -9.59 8.53
C PRO A 302 -13.42 -10.21 9.53
N SER A 303 -13.42 -9.74 10.78
CA SER A 303 -12.43 -10.20 11.76
C SER A 303 -12.24 -11.70 11.96
N ASP A 304 -13.30 -12.47 11.88
CA ASP A 304 -13.21 -13.91 12.04
C ASP A 304 -12.72 -14.64 10.76
N LYS A 305 -12.44 -13.89 9.72
CA LYS A 305 -12.05 -14.57 8.47
C LYS A 305 -10.75 -14.06 7.88
N VAL A 306 -9.97 -13.38 8.70
CA VAL A 306 -8.72 -12.80 8.23
C VAL A 306 -7.76 -13.79 7.61
N MET A 307 -7.65 -15.00 8.16
CA MET A 307 -6.70 -15.95 7.55
C MET A 307 -7.15 -16.42 6.17
N GLN A 308 -8.44 -16.30 5.85
CA GLN A 308 -8.93 -16.67 4.51
C GLN A 308 -8.41 -15.59 3.56
N GLY A 309 -8.35 -14.36 4.07
CA GLY A 309 -7.85 -13.24 3.28
C GLY A 309 -6.40 -13.49 2.91
N TYR A 310 -5.60 -13.96 3.87
CA TYR A 310 -4.19 -14.24 3.56
C TYR A 310 -3.98 -15.52 2.76
N ALA A 311 -4.80 -16.55 2.97
CA ALA A 311 -4.63 -17.76 2.19
C ALA A 311 -4.85 -17.37 0.71
N TYR A 312 -5.71 -16.39 0.49
CA TYR A 312 -6.03 -15.94 -0.87
C TYR A 312 -4.85 -15.13 -1.49
N ILE A 313 -4.57 -13.95 -0.94
CA ILE A 313 -3.52 -13.14 -1.51
C ILE A 313 -2.11 -13.72 -1.44
N LEU A 314 -1.82 -14.57 -0.47
CA LEU A 314 -0.45 -15.09 -0.42
C LEU A 314 -0.16 -16.21 -1.39
N THR A 315 -1.20 -16.82 -1.95
CA THR A 315 -0.98 -17.89 -2.93
C THR A 315 -1.24 -17.38 -4.37
N HIS A 316 -1.87 -16.22 -4.49
CA HIS A 316 -2.27 -15.69 -5.79
C HIS A 316 -1.37 -14.69 -6.50
N PRO A 317 -1.64 -14.46 -7.81
CA PRO A 317 -0.92 -13.52 -8.68
C PRO A 317 -1.06 -12.17 -7.99
N GLY A 318 -0.31 -11.17 -8.41
CA GLY A 318 -0.36 -9.88 -7.74
C GLY A 318 0.75 -9.87 -6.69
N ILE A 319 1.05 -8.72 -6.10
CA ILE A 319 2.10 -8.59 -5.06
C ILE A 319 1.39 -8.43 -3.72
N PRO A 320 1.39 -9.48 -2.89
CA PRO A 320 0.72 -9.40 -1.58
C PRO A 320 1.41 -8.51 -0.56
N CYS A 321 0.64 -7.80 0.25
CA CYS A 321 1.18 -6.94 1.31
C CYS A 321 0.54 -7.35 2.64
N ILE A 322 1.38 -7.83 3.57
CA ILE A 322 0.93 -8.31 4.91
C ILE A 322 0.81 -7.13 5.87
N PHE A 323 -0.26 -7.07 6.65
CA PHE A 323 -0.44 -5.97 7.60
C PHE A 323 0.22 -6.28 8.97
N TYR A 324 0.95 -5.31 9.52
CA TYR A 324 1.67 -5.53 10.77
C TYR A 324 0.91 -6.30 11.86
N ASP A 325 -0.21 -5.74 12.31
CA ASP A 325 -1.06 -6.35 13.37
C ASP A 325 -1.36 -7.84 13.12
N HIS A 326 -1.79 -8.17 11.89
CA HIS A 326 -2.12 -9.54 11.54
C HIS A 326 -0.96 -10.50 11.76
N PHE A 327 0.25 -10.03 11.49
CA PHE A 327 1.42 -10.89 11.64
C PHE A 327 1.94 -11.03 13.08
N PHE A 328 1.99 -9.91 13.80
CA PHE A 328 2.54 -9.93 15.13
C PHE A 328 1.56 -9.94 16.28
N ASN A 329 0.36 -9.40 16.05
CA ASN A 329 -0.62 -9.27 17.14
C ASN A 329 -1.87 -10.16 17.18
N TRP A 330 -2.22 -10.79 16.07
CA TRP A 330 -3.42 -11.58 16.04
C TRP A 330 -3.20 -13.05 16.28
N GLY A 331 -1.95 -13.43 16.47
CA GLY A 331 -1.62 -14.81 16.69
C GLY A 331 -1.55 -15.61 15.39
N PHE A 332 -1.40 -14.94 14.26
CA PHE A 332 -1.33 -15.61 12.94
C PHE A 332 0.08 -15.72 12.39
N LYS A 333 1.07 -15.32 13.19
CA LYS A 333 2.47 -15.33 12.75
C LYS A 333 2.95 -16.59 12.05
N ASP A 334 2.87 -17.74 12.71
CA ASP A 334 3.33 -18.98 12.08
C ASP A 334 2.50 -19.29 10.82
N GLN A 335 1.18 -19.16 10.89
CA GLN A 335 0.36 -19.46 9.71
C GLN A 335 0.71 -18.59 8.49
N ILE A 336 0.88 -17.27 8.69
CA ILE A 336 1.20 -16.36 7.59
C ILE A 336 2.57 -16.72 7.04
N ALA A 337 3.52 -16.97 7.94
CA ALA A 337 4.87 -17.36 7.52
C ALA A 337 4.83 -18.61 6.64
N ALA A 338 4.04 -19.62 7.04
CA ALA A 338 3.94 -20.87 6.27
C ALA A 338 3.39 -20.57 4.87
N LEU A 339 2.40 -19.70 4.79
CA LEU A 339 1.83 -19.35 3.49
C LEU A 339 2.90 -18.67 2.61
N VAL A 340 3.64 -17.71 3.17
CA VAL A 340 4.68 -17.05 2.40
C VAL A 340 5.73 -18.09 1.97
N ALA A 341 5.96 -19.06 2.84
CA ALA A 341 6.96 -20.10 2.52
C ALA A 341 6.53 -20.95 1.33
N ILE A 342 5.24 -21.26 1.27
CA ILE A 342 4.72 -22.04 0.18
C ILE A 342 4.81 -21.25 -1.11
N ARG A 343 4.55 -19.96 -1.01
CA ARG A 343 4.58 -19.09 -2.18
C ARG A 343 5.98 -19.04 -2.79
N LYS A 344 6.96 -18.88 -1.91
CA LYS A 344 8.35 -18.74 -2.31
C LYS A 344 8.96 -20.02 -2.89
N ARG A 345 8.67 -21.12 -2.19
CA ARG A 345 9.13 -22.45 -2.51
C ARG A 345 8.65 -22.91 -3.89
N ASN A 346 7.42 -22.58 -4.23
CA ASN A 346 6.88 -22.97 -5.53
C ASN A 346 7.16 -21.99 -6.66
N GLY A 347 7.96 -20.97 -6.35
CA GLY A 347 8.31 -19.97 -7.33
C GLY A 347 7.13 -19.18 -7.84
N ILE A 348 6.19 -18.88 -6.95
CA ILE A 348 5.00 -18.13 -7.33
C ILE A 348 5.36 -16.65 -7.27
N THR A 349 5.01 -15.92 -8.33
CA THR A 349 5.30 -14.48 -8.41
C THR A 349 4.03 -13.71 -8.81
N ALA A 350 4.17 -12.40 -8.98
CA ALA A 350 3.05 -11.54 -9.33
C ALA A 350 2.37 -11.98 -10.62
N THR A 351 3.16 -12.55 -11.54
CA THR A 351 2.59 -13.00 -12.81
C THR A 351 2.24 -14.49 -12.93
N SER A 352 2.26 -15.23 -11.84
CA SER A 352 1.89 -16.65 -11.90
C SER A 352 0.47 -16.81 -12.52
N ALA A 353 0.22 -17.95 -13.15
CA ALA A 353 -1.09 -18.19 -13.77
C ALA A 353 -2.13 -18.72 -12.78
N LEU A 354 -3.36 -18.26 -12.90
CA LEU A 354 -4.47 -18.62 -12.00
C LEU A 354 -5.59 -19.39 -12.70
N LYS A 355 -5.88 -20.59 -12.19
CA LYS A 355 -6.94 -21.41 -12.77
C LYS A 355 -7.94 -21.70 -11.67
N ILE A 356 -9.13 -21.10 -11.75
CA ILE A 356 -10.12 -21.31 -10.70
C ILE A 356 -10.90 -22.62 -10.91
N LEU A 357 -10.86 -23.47 -9.88
CA LEU A 357 -11.50 -24.76 -9.89
C LEU A 357 -12.88 -24.80 -9.30
N MET A 358 -13.17 -23.91 -8.36
CA MET A 358 -14.51 -23.88 -7.77
C MET A 358 -14.82 -22.48 -7.29
N HIS A 359 -16.05 -22.02 -7.54
CA HIS A 359 -16.43 -20.69 -7.11
C HIS A 359 -17.90 -20.58 -6.68
N GLU A 360 -18.22 -21.35 -5.62
CA GLU A 360 -19.57 -21.38 -5.06
C GLU A 360 -19.60 -20.51 -3.81
N GLY A 361 -20.79 -20.15 -3.36
CA GLY A 361 -20.92 -19.29 -2.19
C GLY A 361 -20.01 -19.60 -1.00
N ASP A 362 -19.94 -20.88 -0.64
CA ASP A 362 -19.14 -21.27 0.53
C ASP A 362 -17.88 -22.05 0.25
N ALA A 363 -17.35 -21.90 -0.97
CA ALA A 363 -16.16 -22.62 -1.37
C ALA A 363 -15.52 -22.08 -2.63
N TYR A 364 -14.27 -21.64 -2.50
CA TYR A 364 -13.49 -21.14 -3.61
C TYR A 364 -12.22 -21.99 -3.69
N VAL A 365 -11.99 -22.64 -4.82
CA VAL A 365 -10.77 -23.42 -4.93
C VAL A 365 -10.03 -22.99 -6.19
N ALA A 366 -8.73 -22.74 -6.08
CA ALA A 366 -7.95 -22.25 -7.23
C ALA A 366 -6.59 -22.96 -7.32
N GLU A 367 -6.07 -23.04 -8.54
CA GLU A 367 -4.78 -23.65 -8.77
C GLU A 367 -3.85 -22.61 -9.38
N ILE A 368 -2.67 -22.46 -8.80
CA ILE A 368 -1.69 -21.48 -9.27
C ILE A 368 -0.42 -22.15 -9.83
N ASP A 369 -0.09 -21.79 -11.07
CA ASP A 369 1.05 -22.33 -11.80
C ASP A 369 1.05 -23.84 -11.88
N GLY A 370 -0.11 -24.45 -11.69
CA GLY A 370 -0.19 -25.90 -11.73
C GLY A 370 0.60 -26.55 -10.61
N LYS A 371 1.01 -25.75 -9.63
CA LYS A 371 1.80 -26.27 -8.50
C LYS A 371 1.17 -26.14 -7.11
N VAL A 372 0.30 -25.16 -6.94
CA VAL A 372 -0.35 -24.98 -5.66
C VAL A 372 -1.88 -24.91 -5.83
N VAL A 373 -2.62 -25.46 -4.87
CA VAL A 373 -4.08 -25.40 -4.87
C VAL A 373 -4.46 -24.81 -3.52
N VAL A 374 -5.38 -23.86 -3.53
CA VAL A 374 -5.79 -23.23 -2.30
C VAL A 374 -7.30 -23.24 -2.21
N LYS A 375 -7.81 -23.35 -1.00
CA LYS A 375 -9.23 -23.33 -0.74
C LYS A 375 -9.58 -22.44 0.43
N ILE A 376 -10.69 -21.72 0.29
CA ILE A 376 -11.22 -20.93 1.37
C ILE A 376 -12.75 -21.12 1.35
N GLY A 377 -13.36 -21.04 2.54
CA GLY A 377 -14.80 -21.19 2.61
C GLY A 377 -15.25 -22.00 3.81
N SER A 378 -16.53 -21.93 4.11
CA SER A 378 -17.06 -22.66 5.27
C SER A 378 -17.38 -24.10 4.91
N ARG A 379 -17.48 -24.43 3.63
CA ARG A 379 -17.76 -25.82 3.24
C ARG A 379 -16.50 -26.59 3.56
N TYR A 380 -16.59 -27.59 4.42
CA TYR A 380 -15.41 -28.33 4.80
C TYR A 380 -14.80 -29.22 3.71
N ASP A 381 -15.66 -30.02 3.07
CA ASP A 381 -15.22 -30.99 2.06
C ASP A 381 -15.19 -30.53 0.58
N VAL A 382 -13.99 -30.40 0.04
CA VAL A 382 -13.79 -30.04 -1.37
C VAL A 382 -12.87 -31.07 -2.04
N GLY A 383 -12.65 -32.17 -1.35
CA GLY A 383 -11.78 -33.23 -1.83
C GLY A 383 -11.98 -33.71 -3.26
N ALA A 384 -13.21 -33.59 -3.78
CA ALA A 384 -13.51 -34.03 -5.14
C ALA A 384 -12.98 -33.08 -6.19
N VAL A 385 -12.60 -31.87 -5.76
CA VAL A 385 -12.08 -30.80 -6.64
C VAL A 385 -10.55 -30.83 -6.72
N ILE A 386 -9.91 -31.37 -5.69
CA ILE A 386 -8.44 -31.43 -5.64
C ILE A 386 -7.85 -32.38 -6.71
N PRO A 387 -6.98 -31.86 -7.60
CA PRO A 387 -6.37 -32.69 -8.66
C PRO A 387 -5.48 -33.79 -8.06
N ALA A 388 -5.22 -34.83 -8.84
CA ALA A 388 -4.39 -35.91 -8.32
C ALA A 388 -2.95 -35.39 -8.19
N GLY A 389 -2.24 -35.90 -7.19
CA GLY A 389 -0.86 -35.50 -6.95
C GLY A 389 -0.69 -34.42 -5.89
N PHE A 390 -1.80 -33.82 -5.46
CA PHE A 390 -1.74 -32.77 -4.45
C PHE A 390 -1.96 -33.27 -3.05
N VAL A 391 -1.07 -32.85 -2.16
CA VAL A 391 -1.12 -33.21 -0.74
C VAL A 391 -1.27 -31.93 0.09
N THR A 392 -2.05 -31.97 1.16
CA THR A 392 -2.25 -30.76 1.96
C THR A 392 -0.96 -30.37 2.70
N SER A 393 -0.70 -29.07 2.87
CA SER A 393 0.51 -28.64 3.57
C SER A 393 0.30 -27.52 4.57
N ALA A 394 -0.81 -26.83 4.46
CA ALA A 394 -1.10 -25.75 5.41
C ALA A 394 -2.59 -25.74 5.48
N HIS A 395 -3.13 -25.46 6.66
CA HIS A 395 -4.58 -25.41 6.81
C HIS A 395 -4.93 -24.81 8.15
N GLY A 396 -6.10 -24.19 8.22
CA GLY A 396 -6.57 -23.57 9.44
C GLY A 396 -8.05 -23.33 9.31
N ASN A 397 -8.60 -22.36 10.03
CA ASN A 397 -10.04 -22.09 9.94
C ASN A 397 -10.52 -21.67 8.55
N ASP A 398 -11.28 -22.56 7.91
CA ASP A 398 -11.86 -22.31 6.59
C ASP A 398 -10.88 -22.02 5.45
N TYR A 399 -9.70 -22.60 5.51
CA TYR A 399 -8.78 -22.45 4.40
C TYR A 399 -7.84 -23.65 4.45
N ALA A 400 -7.26 -23.97 3.30
CA ALA A 400 -6.30 -25.05 3.16
C ALA A 400 -5.50 -24.87 1.86
N VAL A 401 -4.23 -25.30 1.89
CA VAL A 401 -3.31 -25.20 0.76
C VAL A 401 -2.69 -26.58 0.50
N TRP A 402 -2.57 -26.95 -0.77
CA TRP A 402 -1.99 -28.22 -1.16
C TRP A 402 -0.78 -27.94 -2.04
N GLU A 403 0.18 -28.86 -2.05
CA GLU A 403 1.33 -28.72 -2.94
C GLU A 403 1.49 -30.05 -3.61
N LYS A 404 1.80 -30.05 -4.90
CA LYS A 404 1.95 -31.32 -5.58
C LYS A 404 3.15 -31.30 -6.48
C1 GLC B . -12.66 -8.72 -21.26
C2 GLC B . -11.23 -9.21 -20.99
C3 GLC B . -10.33 -8.01 -20.70
C4 GLC B . -10.62 -6.73 -21.53
C5 GLC B . -12.04 -6.58 -22.11
C6 GLC B . -12.03 -5.78 -23.40
O1 GLC B . -13.49 -9.79 -21.53
O2 GLC B . -11.21 -10.11 -19.90
O3 GLC B . -8.98 -8.40 -20.92
O4 GLC B . -10.44 -5.59 -20.69
O5 GLC B . -12.63 -7.87 -22.41
O6 GLC B . -11.26 -4.60 -23.24
C2 BGC B . -9.07 -3.80 -19.87
C3 BGC B . -7.67 -3.27 -20.11
C4 BGC B . -6.61 -4.26 -19.56
C5 BGC B . -6.89 -5.69 -20.06
C6 BGC B . -6.08 -6.80 -19.41
C1 BGC B . -9.14 -5.13 -20.59
O2 BGC B . -10.05 -2.89 -20.37
O3 BGC B . -7.51 -2.00 -19.52
O4 BGC B . -5.31 -3.84 -20.03
O5 BGC B . -8.27 -6.03 -19.90
O6 BGC B . -6.27 -8.05 -20.09
C1 DAF B . -4.38 -3.41 -19.07
C2 DAF B . -3.65 -2.16 -19.61
O2 DAF B . -4.58 -1.17 -20.03
C3 DAF B . -2.74 -2.55 -20.80
O3 DAF B . -2.02 -1.40 -21.22
C4 DAF B . -1.77 -3.65 -20.37
N4 DAF B . -0.81 -4.08 -21.39
C5 DAF B . -2.60 -4.86 -19.85
O5 DAF B . -3.43 -4.42 -18.75
C6 DAF B . -1.69 -5.98 -19.39
C1H DAF B . 0.52 -3.50 -21.35
C2H DAF B . 1.25 -3.40 -22.70
O2H DAF B . 0.39 -2.77 -23.64
C3H DAF B . 1.64 -4.81 -23.24
O3H DAF B . 2.03 -4.74 -24.61
C4H DAF B . 2.79 -5.39 -22.42
O4H DAF B . 3.20 -6.63 -23.01
C5H DAF B . 2.22 -5.46 -21.01
C6H DAF B . 1.49 -4.26 -20.44
C7H DAF B . 2.31 -6.62 -20.06
O7H DAF B . 3.41 -6.26 -19.24
C1 GLC C . -3.60 8.50 2.96
C2 GLC C . -3.30 7.81 4.31
C3 GLC C . -4.35 8.26 5.33
C4 GLC C . -4.37 9.81 5.43
C5 GLC C . -4.54 10.45 4.02
C6 GLC C . -4.33 11.96 4.06
O1 GLC C . -2.66 8.14 2.01
O2 GLC C . -3.35 6.40 4.15
O3 GLC C . -4.06 7.69 6.60
O4 GLC C . -5.44 10.23 6.24
O5 GLC C . -3.54 9.93 3.12
O6 GLC C . -4.56 12.56 2.80
C1 GLC C . -5.21 10.28 7.63
C2 GLC C . -6.54 10.09 8.39
C3 GLC C . -7.39 11.35 8.26
C4 GLC C . -6.60 12.57 8.75
C5 GLC C . -5.35 12.67 7.88
C6 GLC C . -4.44 13.88 8.14
O2 GLC C . -7.24 9.00 7.83
O3 GLC C . -8.57 11.22 9.03
O4 GLC C . -7.43 13.75 8.63
O5 GLC C . -4.56 11.48 8.06
O6 GLC C . -3.88 13.84 9.45
C1 DAF C . -8.21 14.03 9.76
C2 DAF C . -9.31 15.03 9.43
O2 DAF C . -9.97 14.63 8.25
C3 DAF C . -8.70 16.42 9.22
O3 DAF C . -9.74 17.35 8.99
C4 DAF C . -7.91 16.82 10.46
N4 DAF C . -7.30 18.11 10.19
C5 DAF C . -6.83 15.78 10.78
O5 DAF C . -7.43 14.47 10.89
C6 DAF C . -6.14 16.13 12.11
C1H DAF C . -7.66 19.11 11.18
C2H DAF C . -8.09 20.42 10.51
O2H DAF C . -9.18 20.16 9.62
C3H DAF C . -6.92 21.04 9.74
O3H DAF C . -7.38 22.10 8.90
C4H DAF C . -5.84 21.56 10.68
O4H DAF C . -4.69 21.94 9.93
C5H DAF C . -5.51 20.53 11.76
C6H DAF C . -6.49 19.41 12.10
C7H DAF C . -4.25 20.56 12.62
O7H DAF C . -3.34 21.66 12.48
C1 GLC D . -13.58 -31.05 14.50
C2 GLC D . -12.79 -29.91 15.16
C3 GLC D . -12.72 -28.74 14.18
C4 GLC D . -12.14 -29.17 12.82
C5 GLC D . -12.80 -30.47 12.30
C6 GLC D . -12.03 -31.07 11.15
O1 GLC D . -13.68 -32.13 15.37
O2 GLC D . -13.43 -29.51 16.38
O3 GLC D . -11.90 -27.72 14.76
O4 GLC D . -12.37 -28.09 11.81
O5 GLC D . -12.87 -31.48 13.34
O6 GLC D . -10.62 -30.97 11.36
C1 GLC D . -11.43 -27.05 11.76
C2 GLC D . -11.93 -25.91 10.87
C3 GLC D . -11.84 -26.29 9.41
C4 GLC D . -10.42 -26.76 9.04
C5 GLC D . -9.99 -27.90 9.98
C6 GLC D . -8.55 -28.31 9.78
O2 GLC D . -13.29 -25.60 11.19
O3 GLC D . -12.23 -25.21 8.58
O4 GLC D . -10.47 -27.26 7.70
O5 GLC D . -10.11 -27.48 11.36
O6 GLC D . -7.69 -27.18 9.85
C1 DAF D . -9.53 -26.82 6.77
C2 DAF D . -10.23 -26.54 5.43
O2 DAF D . -11.27 -25.59 5.62
C3 DAF D . -10.82 -27.86 4.91
O3 DAF D . -11.50 -27.62 3.67
C4 DAF D . -9.71 -28.90 4.73
N4 DAF D . -10.26 -30.18 4.29
C5 DAF D . -8.96 -29.08 6.06
O5 DAF D . -8.50 -27.80 6.57
C6 DAF D . -7.75 -29.98 5.92
C1H DAF D . -9.64 -30.62 3.05
C2H DAF D . -10.56 -31.37 2.08
O2H DAF D . -11.74 -30.63 1.87
C3H DAF D . -10.93 -32.76 2.61
O3H DAF D . -11.95 -33.33 1.80
C4H DAF D . -9.75 -33.70 2.58
O4H DAF D . -9.80 -34.58 3.70
C5H DAF D . -8.42 -32.95 2.59
C6H DAF D . -8.40 -31.55 3.22
C7H DAF D . -7.21 -33.69 1.97
O7H DAF D . -6.88 -33.60 0.58
CA CA E . -4.26 18.02 -5.00
CA CA F . 14.81 26.86 5.15
CA CA G . -6.15 21.66 0.28
#